data_5JIJ
#
_entry.id   5JIJ
#
_cell.length_a   126.860
_cell.length_b   126.860
_cell.length_c   207.190
_cell.angle_alpha   90.00
_cell.angle_beta   90.00
_cell.angle_gamma   90.00
#
_symmetry.space_group_name_H-M   'I 41 2 2'
#
loop_
_entity.id
_entity.type
_entity.pdbx_description
1 polymer 'Alpha,alpha-trehalose-phosphate synthase'
2 non-polymer '2-[N-CYCLOHEXYLAMINO]ETHANE SULFONIC ACID'
3 non-polymer 1,2-ETHANEDIOL
4 water water
#
_entity_poly.entity_id   1
_entity_poly.type   'polypeptide(L)'
_entity_poly.pdbx_seq_one_letter_code
;SMADRGDSGDSDFVVVANRLPIDLERAPDGTTSWKRSPGGLVTALEPLLRRRRGAWIGWPGIPDSDEDPIVDGDLVLYPV
RLSADDVAQYYEGFSNATLWPLYHDVIVKPIYNRQWWERYVEVNRRFAEATSRAAARGATVWVQDYQLQLVPKMLRELRP
DLTIGFFLHIPFPPVELFMQLPWRTEITDGLLGADLVGFHLPGGAQNFLFLARRLVGANTSRASVGVRSKFGEVQIGSRT
VKVGAFPISIDSADLDRQARQRSIRQRARQIRAELGNPRRILLGVDRLDYTKGIDVRLQAFAELLAEGRVNREDTVFVQL
ATPSRERVEAYRLLRDDIERQVGHINGEYGEVGHPVVHYLHRPVPREELIAFFVAADVMLVTPLRDGMNLVAKEYVACRS
DLGGALVLSEFTGAAAELGQAYLVNPHNLDHVKDTMVAALNQTPEEGRRRMRALRRQVLAHDVDLWARSFLDALASTRTG
DADAVPV
;
_entity_poly.pdbx_strand_id   A
#
# COMPACT_ATOMS: atom_id res chain seq x y z
N GLY A 9 -30.77 2.81 4.65
CA GLY A 9 -30.18 3.85 5.48
C GLY A 9 -30.37 5.24 4.91
N ASP A 10 -29.69 6.22 5.49
CA ASP A 10 -29.83 7.60 5.07
C ASP A 10 -28.55 8.16 4.47
N SER A 11 -27.60 7.28 4.14
CA SER A 11 -26.32 7.74 3.60
C SER A 11 -26.27 7.58 2.07
N ASP A 12 -25.84 8.63 1.38
CA ASP A 12 -25.78 8.60 -0.08
C ASP A 12 -24.35 8.40 -0.58
N PHE A 13 -23.39 8.33 0.33
CA PHE A 13 -22.03 7.96 0.00
C PHE A 13 -21.47 7.07 1.11
N VAL A 14 -21.06 5.86 0.74
CA VAL A 14 -20.66 4.89 1.74
C VAL A 14 -19.32 4.26 1.40
N VAL A 15 -18.38 4.31 2.34
CA VAL A 15 -17.12 3.63 2.18
C VAL A 15 -17.14 2.31 2.92
N VAL A 16 -16.68 1.25 2.26
CA VAL A 16 -16.59 -0.04 2.89
C VAL A 16 -15.14 -0.49 2.94
N ALA A 17 -14.64 -0.74 4.14
CA ALA A 17 -13.24 -1.14 4.31
C ALA A 17 -13.11 -2.09 5.49
N ASN A 18 -12.04 -2.89 5.50
CA ASN A 18 -11.84 -3.89 6.54
C ASN A 18 -11.95 -3.30 7.94
N ARG A 19 -11.34 -2.13 8.15
CA ARG A 19 -11.41 -1.49 9.46
C ARG A 19 -12.05 -0.10 9.41
N LEU A 20 -12.74 0.27 10.48
CA LEU A 20 -13.20 1.64 10.66
C LEU A 20 -12.00 2.56 10.75
N PRO A 21 -12.16 3.84 10.35
CA PRO A 21 -11.03 4.77 10.39
C PRO A 21 -10.82 5.37 11.78
N ILE A 22 -10.66 4.51 12.78
CA ILE A 22 -10.52 4.93 14.17
C ILE A 22 -9.49 4.09 14.90
N ASP A 23 -9.17 4.47 16.14
CA ASP A 23 -8.31 3.66 16.99
CA ASP A 23 -8.31 3.65 17.00
C ASP A 23 -8.43 4.11 18.44
N LEU A 24 -8.12 3.21 19.37
CA LEU A 24 -8.18 3.54 20.80
C LEU A 24 -6.93 3.07 21.54
N TRP A 34 -11.66 5.50 21.89
CA TRP A 34 -11.72 5.61 20.44
C TRP A 34 -11.59 7.06 19.98
N LYS A 35 -10.64 7.29 19.07
CA LYS A 35 -10.48 8.59 18.42
C LYS A 35 -10.23 8.39 16.93
N ARG A 36 -10.76 9.28 16.11
CA ARG A 36 -10.64 9.15 14.66
C ARG A 36 -9.19 9.21 14.21
N SER A 37 -8.78 8.26 13.36
CA SER A 37 -7.41 8.20 12.89
C SER A 37 -7.11 9.34 11.93
N PRO A 38 -5.92 9.93 12.03
CA PRO A 38 -5.50 11.05 11.16
C PRO A 38 -5.02 10.58 9.79
N GLY A 39 -5.09 11.47 8.80
CA GLY A 39 -4.58 11.19 7.47
C GLY A 39 -5.31 10.09 6.73
N GLY A 40 -4.66 9.54 5.71
CA GLY A 40 -5.20 8.43 4.95
C GLY A 40 -6.43 8.76 4.13
N LEU A 41 -7.13 7.72 3.71
CA LEU A 41 -8.32 7.85 2.88
C LEU A 41 -9.41 8.70 3.52
N VAL A 42 -9.58 8.55 4.83
CA VAL A 42 -10.65 9.25 5.53
C VAL A 42 -10.45 10.76 5.48
N THR A 43 -9.21 11.19 5.37
CA THR A 43 -8.90 12.62 5.31
C THR A 43 -9.00 13.13 3.88
N ALA A 44 -8.61 12.29 2.92
CA ALA A 44 -8.70 12.64 1.51
C ALA A 44 -10.14 12.93 1.10
N LEU A 45 -11.09 12.20 1.69
CA LEU A 45 -12.50 12.33 1.36
C LEU A 45 -13.23 13.44 2.12
N GLU A 46 -12.50 14.17 2.96
CA GLU A 46 -13.10 15.20 3.81
C GLU A 46 -13.99 16.22 3.06
N PRO A 47 -13.49 16.80 1.94
CA PRO A 47 -14.38 17.77 1.27
C PRO A 47 -15.61 17.16 0.63
N LEU A 48 -15.56 15.86 0.30
CA LEU A 48 -16.73 15.19 -0.25
C LEU A 48 -17.76 14.94 0.86
N LEU A 49 -17.27 14.55 2.03
CA LEU A 49 -18.12 14.30 3.19
C LEU A 49 -18.80 15.60 3.66
N ARG A 50 -18.22 16.73 3.27
CA ARG A 50 -18.79 18.03 3.62
C ARG A 50 -19.97 18.38 2.71
N ARG A 51 -20.21 17.55 1.71
CA ARG A 51 -21.29 17.79 0.74
C ARG A 51 -22.21 16.59 0.62
N ARG A 52 -21.84 15.49 1.27
CA ARG A 52 -22.62 14.26 1.21
C ARG A 52 -23.04 13.80 2.60
N ARG A 53 -24.03 12.92 2.66
CA ARG A 53 -24.37 12.22 3.90
C ARG A 53 -23.58 10.92 3.94
N GLY A 54 -22.36 10.98 4.45
CA GLY A 54 -21.44 9.86 4.34
C GLY A 54 -21.44 8.86 5.49
N ALA A 55 -21.07 7.62 5.17
CA ALA A 55 -20.96 6.58 6.17
C ALA A 55 -19.77 5.69 5.88
N TRP A 56 -19.26 5.05 6.93
CA TRP A 56 -18.11 4.17 6.82
C TRP A 56 -18.42 2.83 7.49
N ILE A 57 -18.30 1.75 6.72
CA ILE A 57 -18.56 0.41 7.24
C ILE A 57 -17.23 -0.30 7.44
N GLY A 58 -17.02 -0.88 8.61
CA GLY A 58 -15.78 -1.60 8.89
C GLY A 58 -15.74 -2.22 10.26
N TRP A 59 -14.79 -3.14 10.47
CA TRP A 59 -14.57 -3.73 11.78
C TRP A 59 -13.91 -2.70 12.71
N PRO A 60 -14.48 -2.49 13.90
CA PRO A 60 -13.94 -1.51 14.86
C PRO A 60 -12.60 -1.92 15.48
N GLY A 61 -12.15 -3.14 15.20
CA GLY A 61 -10.85 -3.59 15.69
C GLY A 61 -10.91 -4.26 17.04
N ILE A 62 -12.11 -4.36 17.61
CA ILE A 62 -12.31 -5.12 18.84
C ILE A 62 -13.25 -6.31 18.60
N PRO A 63 -12.96 -7.45 19.23
CA PRO A 63 -13.76 -8.67 18.99
C PRO A 63 -15.15 -8.60 19.62
N ASP A 64 -16.14 -9.14 18.91
CA ASP A 64 -17.50 -9.29 19.44
C ASP A 64 -18.11 -8.01 19.98
N SER A 65 -18.06 -6.94 19.19
CA SER A 65 -18.64 -5.67 19.60
C SER A 65 -20.03 -5.48 18.98
N ASP A 66 -20.73 -4.45 19.44
CA ASP A 66 -22.05 -4.12 18.90
C ASP A 66 -21.94 -3.59 17.47
N GLU A 67 -23.04 -3.65 16.74
CA GLU A 67 -23.10 -3.11 15.39
C GLU A 67 -23.98 -1.87 15.34
N ASP A 68 -24.08 -1.19 16.48
CA ASP A 68 -24.83 0.06 16.57
C ASP A 68 -24.09 1.21 15.90
N PRO A 69 -24.75 1.90 14.97
CA PRO A 69 -24.17 3.05 14.26
C PRO A 69 -23.68 4.14 15.21
N ILE A 70 -22.53 4.72 14.91
CA ILE A 70 -21.91 5.71 15.77
C ILE A 70 -21.65 7.01 15.02
N VAL A 71 -22.41 8.06 15.36
CA VAL A 71 -22.22 9.36 14.72
C VAL A 71 -20.92 10.01 15.15
N ASP A 72 -19.99 10.13 14.22
CA ASP A 72 -18.69 10.72 14.52
C ASP A 72 -18.35 11.86 13.55
N GLY A 73 -19.02 12.99 13.73
CA GLY A 73 -18.76 14.17 12.94
C GLY A 73 -19.34 14.14 11.54
N ASP A 74 -18.46 14.16 10.54
CA ASP A 74 -18.88 14.15 9.13
C ASP A 74 -19.10 12.73 8.62
N LEU A 75 -19.11 11.77 9.53
CA LEU A 75 -19.38 10.39 9.18
C LEU A 75 -20.33 9.72 10.17
N VAL A 76 -21.10 8.76 9.67
CA VAL A 76 -21.76 7.80 10.53
C VAL A 76 -20.96 6.51 10.40
N LEU A 77 -20.54 5.95 11.53
CA LEU A 77 -19.74 4.72 11.50
C LEU A 77 -20.60 3.49 11.78
N TYR A 78 -20.53 2.51 10.88
CA TYR A 78 -21.25 1.25 11.07
C TYR A 78 -20.26 0.13 11.36
N PRO A 79 -20.16 -0.26 12.64
CA PRO A 79 -19.22 -1.31 13.06
C PRO A 79 -19.70 -2.70 12.70
N VAL A 80 -18.80 -3.49 12.12
CA VAL A 80 -19.09 -4.88 11.79
C VAL A 80 -18.60 -5.78 12.91
N ARG A 81 -19.49 -6.59 13.47
CA ARG A 81 -19.11 -7.50 14.53
C ARG A 81 -18.32 -8.69 13.99
N LEU A 82 -17.10 -8.86 14.48
CA LEU A 82 -16.26 -10.00 14.15
C LEU A 82 -15.73 -10.62 15.43
N SER A 83 -15.73 -11.95 15.49
CA SER A 83 -15.12 -12.64 16.61
C SER A 83 -13.62 -12.76 16.36
N ALA A 84 -12.88 -13.12 17.40
CA ALA A 84 -11.44 -13.35 17.23
C ALA A 84 -11.23 -14.51 16.26
N ASP A 85 -12.14 -15.47 16.28
CA ASP A 85 -12.07 -16.59 15.34
C ASP A 85 -12.33 -16.13 13.91
N ASP A 86 -13.25 -15.18 13.76
CA ASP A 86 -13.56 -14.61 12.45
C ASP A 86 -12.33 -13.92 11.87
N VAL A 87 -11.65 -13.16 12.71
CA VAL A 87 -10.47 -12.43 12.28
C VAL A 87 -9.36 -13.43 11.92
N ALA A 88 -9.23 -14.47 12.73
CA ALA A 88 -8.21 -15.48 12.49
C ALA A 88 -8.36 -16.17 11.13
N GLN A 89 -9.59 -16.53 10.78
CA GLN A 89 -9.82 -17.29 9.54
C GLN A 89 -10.09 -16.43 8.30
N TYR A 90 -10.89 -15.37 8.42
CA TYR A 90 -11.12 -14.45 7.29
C TYR A 90 -9.93 -13.56 6.99
N TYR A 91 -9.30 -13.01 8.03
CA TYR A 91 -8.26 -12.01 7.83
C TYR A 91 -6.83 -12.57 7.91
N GLU A 92 -6.48 -13.15 9.04
CA GLU A 92 -5.18 -13.75 9.22
C GLU A 92 -5.01 -14.92 8.25
N GLY A 93 -6.09 -15.63 8.04
CA GLY A 93 -6.09 -16.75 7.15
C GLY A 93 -6.25 -16.43 5.69
N PHE A 94 -7.46 -16.41 5.22
CA PHE A 94 -7.71 -16.18 3.83
C PHE A 94 -7.08 -14.92 3.27
N SER A 95 -7.28 -13.81 3.93
CA SER A 95 -6.74 -12.57 3.39
C SER A 95 -5.21 -12.57 3.40
N ASN A 96 -4.61 -12.84 4.55
CA ASN A 96 -3.17 -12.65 4.68
C ASN A 96 -2.29 -13.84 4.37
N ALA A 97 -2.87 -15.04 4.35
CA ALA A 97 -2.07 -16.23 4.07
C ALA A 97 -2.53 -16.99 2.81
N THR A 98 -3.67 -16.59 2.24
CA THR A 98 -4.04 -17.08 0.91
C THR A 98 -3.87 -15.98 -0.14
N LEU A 99 -4.68 -14.93 -0.04
CA LEU A 99 -4.72 -13.90 -1.07
C LEU A 99 -3.45 -13.06 -1.13
N TRP A 100 -2.95 -12.59 0.01
CA TRP A 100 -1.78 -11.71 0.02
C TRP A 100 -0.58 -12.33 -0.71
N PRO A 101 -0.15 -13.56 -0.33
CA PRO A 101 1.02 -14.07 -1.05
C PRO A 101 0.74 -14.38 -2.53
N LEU A 102 -0.46 -14.83 -2.83
CA LEU A 102 -0.80 -15.15 -4.21
C LEU A 102 -0.73 -13.90 -5.09
N TYR A 103 -1.33 -12.81 -4.60
CA TYR A 103 -1.40 -11.59 -5.40
C TYR A 103 -0.03 -10.95 -5.53
N HIS A 104 0.85 -11.20 -4.56
CA HIS A 104 2.22 -10.67 -4.64
C HIS A 104 3.20 -11.72 -5.21
N ASP A 105 2.85 -12.32 -6.34
CA ASP A 105 3.76 -13.18 -7.11
C ASP A 105 4.33 -14.36 -6.32
N VAL A 106 3.49 -14.96 -5.48
CA VAL A 106 3.81 -16.13 -4.63
C VAL A 106 5.25 -16.11 -4.06
N ILE A 107 5.63 -14.97 -3.51
CA ILE A 107 6.93 -14.82 -2.87
C ILE A 107 7.05 -15.86 -1.75
N VAL A 108 5.94 -16.09 -1.06
CA VAL A 108 5.82 -17.29 -0.24
C VAL A 108 4.63 -18.09 -0.76
N LYS A 109 4.59 -19.36 -0.39
CA LYS A 109 3.54 -20.27 -0.88
C LYS A 109 2.20 -19.94 -0.24
N PRO A 110 1.17 -19.65 -1.07
CA PRO A 110 -0.16 -19.50 -0.50
C PRO A 110 -0.64 -20.79 0.16
N ILE A 111 -1.45 -20.65 1.18
CA ILE A 111 -2.11 -21.79 1.83
C ILE A 111 -3.56 -21.81 1.39
N TYR A 112 -3.98 -22.92 0.79
CA TYR A 112 -5.37 -23.02 0.35
C TYR A 112 -6.13 -23.87 1.35
N ASN A 113 -7.08 -23.22 2.02
CA ASN A 113 -7.79 -23.78 3.16
C ASN A 113 -9.27 -23.47 2.99
N ARG A 114 -10.08 -24.51 2.91
CA ARG A 114 -11.50 -24.35 2.67
C ARG A 114 -12.25 -23.68 3.83
N GLN A 115 -11.81 -23.91 5.07
CA GLN A 115 -12.49 -23.30 6.20
C GLN A 115 -12.25 -21.79 6.19
N TRP A 116 -11.05 -21.39 5.81
CA TRP A 116 -10.73 -19.98 5.66
C TRP A 116 -11.60 -19.32 4.60
N TRP A 117 -11.75 -20.01 3.47
CA TRP A 117 -12.63 -19.53 2.40
C TRP A 117 -14.06 -19.34 2.87
N GLU A 118 -14.59 -20.34 3.56
CA GLU A 118 -15.97 -20.27 4.02
C GLU A 118 -16.18 -19.09 4.97
N ARG A 119 -15.21 -18.85 5.84
CA ARG A 119 -15.32 -17.70 6.75
C ARG A 119 -15.19 -16.38 6.00
N TYR A 120 -14.35 -16.37 4.96
CA TYR A 120 -14.16 -15.18 4.14
C TYR A 120 -15.48 -14.83 3.45
N VAL A 121 -16.19 -15.84 2.95
CA VAL A 121 -17.51 -15.62 2.37
C VAL A 121 -18.49 -15.05 3.41
N GLU A 122 -18.55 -15.69 4.58
CA GLU A 122 -19.47 -15.26 5.64
C GLU A 122 -19.22 -13.82 6.08
N VAL A 123 -17.95 -13.46 6.25
CA VAL A 123 -17.59 -12.12 6.69
C VAL A 123 -17.91 -11.09 5.61
N ASN A 124 -17.58 -11.40 4.37
CA ASN A 124 -17.92 -10.52 3.25
C ASN A 124 -19.43 -10.26 3.19
N ARG A 125 -20.22 -11.30 3.40
CA ARG A 125 -21.68 -11.12 3.38
C ARG A 125 -22.10 -10.18 4.50
N ARG A 126 -21.47 -10.32 5.66
CA ARG A 126 -21.76 -9.48 6.81
C ARG A 126 -21.40 -8.01 6.54
N PHE A 127 -20.32 -7.76 5.80
CA PHE A 127 -19.99 -6.39 5.40
C PHE A 127 -21.02 -5.86 4.42
N ALA A 128 -21.50 -6.75 3.54
CA ALA A 128 -22.49 -6.38 2.54
C ALA A 128 -23.80 -5.96 3.20
N GLU A 129 -24.22 -6.74 4.19
CA GLU A 129 -25.44 -6.45 4.93
C GLU A 129 -25.34 -5.14 5.70
N ALA A 130 -24.18 -4.86 6.27
CA ALA A 130 -23.98 -3.60 6.98
C ALA A 130 -24.07 -2.42 6.01
N THR A 131 -23.49 -2.62 4.84
CA THR A 131 -23.49 -1.59 3.79
C THR A 131 -24.91 -1.24 3.35
N SER A 132 -25.69 -2.27 3.04
CA SER A 132 -27.09 -2.07 2.65
C SER A 132 -27.86 -1.35 3.76
N ARG A 133 -27.57 -1.71 5.01
CA ARG A 133 -28.21 -1.12 6.17
C ARG A 133 -28.00 0.40 6.22
N ALA A 134 -26.83 0.83 5.76
CA ALA A 134 -26.43 2.23 5.83
C ALA A 134 -26.78 3.04 4.58
N ALA A 135 -26.84 2.35 3.44
CA ALA A 135 -26.96 3.04 2.15
C ALA A 135 -28.39 3.39 1.77
N ALA A 136 -28.60 4.66 1.42
CA ALA A 136 -29.88 5.13 0.93
C ALA A 136 -30.07 4.68 -0.52
N ARG A 137 -31.26 4.90 -1.06
CA ARG A 137 -31.55 4.47 -2.43
C ARG A 137 -30.69 5.23 -3.43
N GLY A 138 -30.07 4.48 -4.34
CA GLY A 138 -29.28 5.08 -5.40
C GLY A 138 -27.95 5.63 -4.90
N ALA A 139 -27.58 5.29 -3.67
CA ALA A 139 -26.33 5.74 -3.08
C ALA A 139 -25.12 5.23 -3.84
N THR A 140 -24.03 5.99 -3.75
CA THR A 140 -22.74 5.59 -4.28
C THR A 140 -21.91 4.86 -3.21
N VAL A 141 -21.43 3.66 -3.53
CA VAL A 141 -20.68 2.85 -2.58
C VAL A 141 -19.25 2.58 -3.06
N TRP A 142 -18.27 2.80 -2.20
CA TRP A 142 -16.87 2.55 -2.57
C TRP A 142 -16.25 1.50 -1.66
N VAL A 143 -16.12 0.30 -2.18
CA VAL A 143 -15.53 -0.81 -1.45
C VAL A 143 -14.02 -0.85 -1.62
N GLN A 144 -13.33 -1.06 -0.52
CA GLN A 144 -11.89 -1.10 -0.53
C GLN A 144 -11.17 -2.42 -0.27
N ASP A 145 -10.24 -2.72 -1.13
CA ASP A 145 -9.25 -3.77 -0.98
C ASP A 145 -9.57 -5.26 -0.99
N TYR A 146 -8.48 -6.01 -1.00
CA TYR A 146 -8.45 -7.46 -1.10
C TYR A 146 -9.27 -8.27 -0.12
N GLN A 147 -9.49 -7.76 1.07
CA GLN A 147 -10.25 -8.50 2.05
C GLN A 147 -11.74 -8.53 1.74
N LEU A 148 -12.18 -7.71 0.81
CA LEU A 148 -13.62 -7.54 0.57
C LEU A 148 -14.04 -7.74 -0.88
N GLN A 149 -13.38 -8.65 -1.58
CA GLN A 149 -13.59 -8.78 -3.02
C GLN A 149 -14.95 -9.39 -3.39
N LEU A 150 -15.63 -10.03 -2.44
CA LEU A 150 -16.95 -10.60 -2.71
C LEU A 150 -18.08 -9.59 -2.53
N VAL A 151 -17.80 -8.53 -1.79
CA VAL A 151 -18.84 -7.57 -1.42
C VAL A 151 -19.60 -6.95 -2.61
N PRO A 152 -18.89 -6.56 -3.70
CA PRO A 152 -19.68 -5.90 -4.76
C PRO A 152 -20.80 -6.78 -5.33
N LYS A 153 -20.48 -8.03 -5.65
CA LYS A 153 -21.51 -8.94 -6.15
C LYS A 153 -22.61 -9.17 -5.11
N MET A 154 -22.23 -9.39 -3.86
CA MET A 154 -23.20 -9.66 -2.80
C MET A 154 -24.12 -8.46 -2.60
N LEU A 155 -23.54 -7.27 -2.69
CA LEU A 155 -24.29 -6.03 -2.49
C LEU A 155 -25.25 -5.77 -3.65
N ARG A 156 -24.79 -6.01 -4.88
CA ARG A 156 -25.65 -5.81 -6.05
C ARG A 156 -26.86 -6.73 -6.00
N GLU A 157 -26.68 -7.93 -5.48
CA GLU A 157 -27.79 -8.86 -5.34
C GLU A 157 -28.79 -8.36 -4.29
N LEU A 158 -28.27 -7.88 -3.17
CA LEU A 158 -29.10 -7.31 -2.12
C LEU A 158 -29.71 -5.98 -2.53
N ARG A 159 -28.92 -5.18 -3.24
CA ARG A 159 -29.28 -3.79 -3.50
C ARG A 159 -28.93 -3.35 -4.92
N PRO A 160 -29.71 -3.80 -5.91
CA PRO A 160 -29.42 -3.50 -7.32
C PRO A 160 -29.56 -2.02 -7.67
N ASP A 161 -30.02 -1.21 -6.72
CA ASP A 161 -30.17 0.23 -6.92
C ASP A 161 -28.86 0.98 -6.72
N LEU A 162 -27.90 0.32 -6.09
CA LEU A 162 -26.65 0.98 -5.71
C LEU A 162 -25.65 1.08 -6.85
N THR A 163 -24.91 2.19 -6.86
CA THR A 163 -23.74 2.35 -7.70
C THR A 163 -22.52 1.92 -6.89
N ILE A 164 -21.76 0.95 -7.42
CA ILE A 164 -20.71 0.31 -6.65
C ILE A 164 -19.34 0.42 -7.30
N GLY A 165 -18.39 0.98 -6.57
CA GLY A 165 -17.01 0.99 -7.01
C GLY A 165 -16.15 0.09 -6.14
N PHE A 166 -15.10 -0.47 -6.74
CA PHE A 166 -14.13 -1.28 -6.00
C PHE A 166 -12.69 -0.88 -6.38
N PHE A 167 -11.83 -0.66 -5.39
CA PHE A 167 -10.42 -0.40 -5.67
C PHE A 167 -9.52 -1.39 -4.94
N LEU A 168 -8.66 -2.07 -5.70
CA LEU A 168 -7.69 -3.01 -5.15
C LEU A 168 -6.38 -2.30 -4.84
N HIS A 169 -5.96 -2.33 -3.57
CA HIS A 169 -4.77 -1.58 -3.17
C HIS A 169 -3.47 -2.38 -3.32
N ILE A 170 -3.60 -3.67 -3.61
CA ILE A 170 -2.44 -4.52 -3.81
C ILE A 170 -2.40 -4.94 -5.28
N PRO A 171 -1.28 -5.54 -5.74
CA PRO A 171 -1.23 -5.92 -7.16
C PRO A 171 -2.29 -6.92 -7.54
N PHE A 172 -2.72 -6.91 -8.80
CA PHE A 172 -3.53 -8.02 -9.30
C PHE A 172 -2.63 -8.95 -10.10
N PRO A 173 -2.52 -10.22 -9.67
CA PRO A 173 -1.48 -11.09 -10.22
C PRO A 173 -1.78 -11.55 -11.66
N PRO A 174 -0.76 -12.07 -12.35
CA PRO A 174 -1.01 -12.66 -13.66
C PRO A 174 -1.95 -13.86 -13.57
N VAL A 175 -2.60 -14.18 -14.67
CA VAL A 175 -3.62 -15.21 -14.68
C VAL A 175 -3.04 -16.58 -14.30
N GLU A 176 -1.80 -16.85 -14.70
CA GLU A 176 -1.17 -18.15 -14.42
C GLU A 176 -1.09 -18.44 -12.93
N LEU A 177 -0.91 -17.39 -12.12
CA LEU A 177 -0.88 -17.54 -10.68
C LEU A 177 -2.28 -17.47 -10.08
N PHE A 178 -3.09 -16.50 -10.52
CA PHE A 178 -4.45 -16.35 -9.99
C PHE A 178 -5.23 -17.66 -10.10
N MET A 179 -5.03 -18.37 -11.20
CA MET A 179 -5.77 -19.61 -11.49
C MET A 179 -5.54 -20.72 -10.45
N GLN A 180 -4.47 -20.60 -9.66
CA GLN A 180 -4.23 -21.57 -8.59
C GLN A 180 -5.38 -21.58 -7.59
N LEU A 181 -5.98 -20.42 -7.34
CA LEU A 181 -7.03 -20.28 -6.33
C LEU A 181 -8.19 -21.20 -6.62
N PRO A 182 -8.50 -22.13 -5.71
CA PRO A 182 -9.65 -22.99 -5.93
C PRO A 182 -10.95 -22.20 -6.09
N TRP A 183 -10.99 -20.99 -5.53
CA TRP A 183 -12.19 -20.18 -5.57
C TRP A 183 -12.00 -19.01 -6.52
N ARG A 184 -11.15 -19.22 -7.52
CA ARG A 184 -10.85 -18.21 -8.54
C ARG A 184 -12.11 -17.61 -9.18
N THR A 185 -13.10 -18.44 -9.48
CA THR A 185 -14.28 -17.97 -10.18
C THR A 185 -15.16 -17.11 -9.26
N GLU A 186 -15.30 -17.55 -8.02
CA GLU A 186 -16.09 -16.83 -7.04
C GLU A 186 -15.48 -15.44 -6.75
N ILE A 187 -14.16 -15.34 -6.64
CA ILE A 187 -13.48 -14.04 -6.47
C ILE A 187 -13.71 -13.12 -7.67
N THR A 188 -13.57 -13.68 -8.88
CA THR A 188 -13.73 -12.91 -10.10
C THR A 188 -15.17 -12.39 -10.25
N ASP A 189 -16.15 -13.27 -10.07
CA ASP A 189 -17.55 -12.86 -10.07
C ASP A 189 -17.80 -11.79 -9.00
N GLY A 190 -17.13 -11.93 -7.87
CA GLY A 190 -17.25 -10.99 -6.77
C GLY A 190 -16.88 -9.59 -7.21
N LEU A 191 -15.72 -9.46 -7.85
CA LEU A 191 -15.25 -8.18 -8.35
C LEU A 191 -16.15 -7.63 -9.45
N LEU A 192 -16.65 -8.52 -10.30
CA LEU A 192 -17.47 -8.11 -11.44
C LEU A 192 -18.85 -7.58 -11.02
N GLY A 193 -19.15 -7.69 -9.72
CA GLY A 193 -20.36 -7.09 -9.19
C GLY A 193 -20.28 -5.56 -9.15
N ALA A 194 -19.07 -5.01 -9.32
CA ALA A 194 -18.90 -3.55 -9.27
C ALA A 194 -19.25 -2.88 -10.61
N ASP A 195 -19.58 -1.60 -10.56
CA ASP A 195 -19.72 -0.79 -11.77
C ASP A 195 -18.36 -0.32 -12.26
N LEU A 196 -17.43 -0.16 -11.32
CA LEU A 196 -16.07 0.25 -11.60
C LEU A 196 -15.08 -0.55 -10.77
N VAL A 197 -14.13 -1.18 -11.43
CA VAL A 197 -13.06 -1.89 -10.75
C VAL A 197 -11.75 -1.18 -11.04
N GLY A 198 -11.09 -0.68 -9.99
CA GLY A 198 -9.85 0.04 -10.16
C GLY A 198 -8.65 -0.63 -9.52
N PHE A 199 -7.49 -0.39 -10.14
CA PHE A 199 -6.20 -0.90 -9.69
C PHE A 199 -5.22 0.27 -9.72
N HIS A 200 -4.06 0.16 -9.06
CA HIS A 200 -3.07 1.24 -9.17
C HIS A 200 -2.56 1.40 -10.61
N LEU A 201 -2.38 0.27 -11.28
CA LEU A 201 -1.60 0.20 -12.52
C LEU A 201 -2.36 -0.38 -13.70
N PRO A 202 -2.04 0.08 -14.92
CA PRO A 202 -2.65 -0.53 -16.11
C PRO A 202 -2.42 -2.04 -16.18
N GLY A 203 -1.28 -2.51 -15.70
CA GLY A 203 -0.98 -3.94 -15.71
C GLY A 203 -2.02 -4.77 -14.96
N GLY A 204 -2.46 -4.26 -13.80
CA GLY A 204 -3.47 -4.97 -13.02
C GLY A 204 -4.81 -4.98 -13.72
N ALA A 205 -5.18 -3.84 -14.29
CA ALA A 205 -6.42 -3.73 -15.05
C ALA A 205 -6.42 -4.68 -16.24
N GLN A 206 -5.28 -4.79 -16.92
CA GLN A 206 -5.20 -5.64 -18.10
C GLN A 206 -5.23 -7.12 -17.71
N ASN A 207 -4.64 -7.46 -16.58
CA ASN A 207 -4.73 -8.84 -16.07
C ASN A 207 -6.18 -9.21 -15.77
N PHE A 208 -6.90 -8.26 -15.18
CA PHE A 208 -8.31 -8.46 -14.85
C PHE A 208 -9.17 -8.65 -16.09
N LEU A 209 -8.94 -7.82 -17.11
CA LEU A 209 -9.62 -7.98 -18.39
C LEU A 209 -9.38 -9.37 -18.98
N PHE A 210 -8.12 -9.80 -18.99
CA PHE A 210 -7.79 -11.11 -19.55
C PHE A 210 -8.42 -12.23 -18.73
N LEU A 211 -8.35 -12.11 -17.41
CA LEU A 211 -9.00 -13.08 -16.52
C LEU A 211 -10.49 -13.21 -16.82
N ALA A 212 -11.15 -12.07 -16.99
CA ALA A 212 -12.58 -12.06 -17.30
C ALA A 212 -12.91 -12.87 -18.56
N ARG A 213 -12.09 -12.72 -19.60
CA ARG A 213 -12.27 -13.45 -20.85
C ARG A 213 -11.98 -14.93 -20.68
N ARG A 214 -10.85 -15.23 -20.05
CA ARG A 214 -10.36 -16.61 -19.94
C ARG A 214 -11.18 -17.46 -18.97
N LEU A 215 -11.44 -16.92 -17.79
CA LEU A 215 -12.07 -17.70 -16.74
C LEU A 215 -13.59 -17.62 -16.79
N VAL A 216 -14.10 -16.40 -17.04
CA VAL A 216 -15.53 -16.15 -16.96
C VAL A 216 -16.16 -16.12 -18.35
N GLY A 217 -15.32 -16.06 -19.39
CA GLY A 217 -15.81 -16.09 -20.75
C GLY A 217 -16.57 -14.83 -21.15
N ALA A 218 -16.31 -13.74 -20.45
CA ALA A 218 -16.99 -12.48 -20.75
C ALA A 218 -16.33 -11.75 -21.91
N ASN A 219 -17.11 -10.95 -22.62
CA ASN A 219 -16.59 -10.08 -23.66
CA ASN A 219 -16.59 -10.09 -23.66
C ASN A 219 -15.98 -8.83 -23.06
N THR A 220 -14.72 -8.55 -23.40
CA THR A 220 -14.07 -7.35 -22.88
C THR A 220 -13.48 -6.48 -23.97
N SER A 221 -13.07 -5.28 -23.59
CA SER A 221 -12.27 -4.43 -24.45
C SER A 221 -10.88 -5.07 -24.59
N ARG A 222 -10.18 -4.77 -25.67
CA ARG A 222 -8.89 -5.40 -25.93
C ARG A 222 -7.72 -4.41 -25.89
N ALA A 223 -8.01 -3.12 -25.89
CA ALA A 223 -6.97 -2.09 -25.90
C ALA A 223 -6.20 -2.02 -24.59
N SER A 224 -5.02 -1.39 -24.65
CA SER A 224 -4.30 -1.02 -23.43
C SER A 224 -5.17 -0.12 -22.57
N VAL A 225 -4.96 -0.22 -21.25
CA VAL A 225 -5.70 0.60 -20.30
C VAL A 225 -4.82 1.80 -19.94
N GLY A 226 -5.40 3.00 -19.92
CA GLY A 226 -4.65 4.22 -19.64
C GLY A 226 -4.51 4.50 -18.15
N VAL A 227 -3.83 5.59 -17.82
CA VAL A 227 -3.75 6.04 -16.43
C VAL A 227 -4.84 7.09 -16.23
N ARG A 228 -5.80 6.78 -15.35
CA ARG A 228 -6.93 7.67 -15.06
C ARG A 228 -7.68 8.06 -16.34
N SER A 229 -7.65 7.19 -17.34
CA SER A 229 -8.21 7.47 -18.66
C SER A 229 -8.20 6.17 -19.46
N LYS A 230 -8.81 6.20 -20.65
CA LYS A 230 -8.78 5.06 -21.56
C LYS A 230 -9.18 3.77 -20.83
N PHE A 231 -10.38 3.79 -20.25
CA PHE A 231 -10.81 2.70 -19.38
C PHE A 231 -11.15 1.44 -20.17
N GLY A 232 -11.01 0.28 -19.53
CA GLY A 232 -11.41 -0.98 -20.13
C GLY A 232 -12.86 -1.27 -19.80
N GLU A 233 -13.44 -2.24 -20.47
CA GLU A 233 -14.82 -2.62 -20.22
C GLU A 233 -14.98 -4.14 -20.23
N VAL A 234 -15.82 -4.64 -19.33
CA VAL A 234 -16.23 -6.04 -19.32
C VAL A 234 -17.74 -6.04 -19.46
N GLN A 235 -18.25 -6.80 -20.43
CA GLN A 235 -19.70 -6.86 -20.60
C GLN A 235 -20.23 -8.02 -19.79
N ILE A 236 -21.13 -7.71 -18.87
CA ILE A 236 -21.75 -8.72 -18.02
C ILE A 236 -23.27 -8.63 -18.22
N GLY A 237 -23.77 -9.44 -19.15
CA GLY A 237 -25.17 -9.40 -19.52
C GLY A 237 -25.66 -8.00 -19.84
N SER A 238 -26.61 -7.52 -19.06
CA SER A 238 -27.25 -6.23 -19.30
C SER A 238 -26.31 -5.05 -19.05
N ARG A 239 -25.33 -5.23 -18.18
CA ARG A 239 -24.53 -4.09 -17.74
C ARG A 239 -23.05 -4.20 -18.09
N THR A 240 -22.38 -3.06 -18.03
CA THR A 240 -20.98 -2.97 -18.34
C THR A 240 -20.19 -2.66 -17.08
N VAL A 241 -19.06 -3.34 -16.89
CA VAL A 241 -18.16 -3.02 -15.79
C VAL A 241 -17.00 -2.19 -16.31
N LYS A 242 -16.79 -1.03 -15.71
CA LYS A 242 -15.67 -0.18 -16.08
C LYS A 242 -14.42 -0.65 -15.34
N VAL A 243 -13.29 -0.64 -16.02
CA VAL A 243 -12.05 -1.09 -15.42
C VAL A 243 -10.96 -0.02 -15.64
N GLY A 244 -10.31 0.41 -14.57
CA GLY A 244 -9.35 1.50 -14.70
C GLY A 244 -8.13 1.41 -13.82
N ALA A 245 -7.19 2.29 -14.08
CA ALA A 245 -5.96 2.40 -13.32
C ALA A 245 -5.89 3.79 -12.68
N PHE A 246 -5.79 3.85 -11.38
CA PHE A 246 -5.74 5.06 -10.61
C PHE A 246 -4.68 4.89 -9.55
N PRO A 247 -3.43 5.42 -9.86
CA PRO A 247 -2.39 5.20 -8.83
C PRO A 247 -2.53 6.03 -7.59
N ILE A 248 -2.57 5.39 -6.45
CA ILE A 248 -2.78 6.15 -5.21
C ILE A 248 -1.56 7.02 -4.90
N SER A 249 -1.77 8.03 -4.07
CA SER A 249 -0.66 8.89 -3.65
C SER A 249 -0.92 9.31 -2.21
N ILE A 250 -0.21 10.36 -1.79
CA ILE A 250 -0.27 10.90 -0.44
C ILE A 250 -0.78 12.35 -0.46
N ASP A 251 -1.03 12.93 0.71
CA ASP A 251 -1.27 14.38 0.82
C ASP A 251 0.09 15.07 0.74
N SER A 252 0.57 15.25 -0.49
CA SER A 252 1.93 15.73 -0.74
C SER A 252 2.20 17.09 -0.09
N ALA A 253 1.26 18.00 -0.23
CA ALA A 253 1.44 19.38 0.26
C ALA A 253 1.53 19.40 1.79
N ASP A 254 0.75 18.56 2.44
CA ASP A 254 0.75 18.50 3.90
C ASP A 254 2.06 17.96 4.44
N LEU A 255 2.58 16.93 3.79
CA LEU A 255 3.87 16.36 4.19
C LEU A 255 5.01 17.33 3.92
N ASP A 256 4.96 17.99 2.78
CA ASP A 256 5.93 19.01 2.43
C ASP A 256 5.98 20.09 3.53
N ARG A 257 4.81 20.49 4.00
CA ARG A 257 4.70 21.51 5.05
C ARG A 257 5.27 21.02 6.38
N GLN A 258 4.90 19.80 6.76
CA GLN A 258 5.28 19.24 8.05
C GLN A 258 6.78 19.03 8.19
N ALA A 259 7.41 18.61 7.10
CA ALA A 259 8.85 18.30 7.12
C ALA A 259 9.70 19.56 7.29
N ARG A 260 9.08 20.73 7.08
CA ARG A 260 9.76 22.02 7.25
C ARG A 260 9.74 22.54 8.68
N GLN A 261 9.03 21.86 9.56
CA GLN A 261 8.90 22.35 10.94
C GLN A 261 10.25 22.33 11.65
N ARG A 262 10.48 23.34 12.49
CA ARG A 262 11.74 23.48 13.21
C ARG A 262 12.09 22.22 14.01
N SER A 263 11.11 21.71 14.75
CA SER A 263 11.34 20.56 15.62
C SER A 263 11.72 19.32 14.82
N ILE A 264 11.20 19.21 13.60
CA ILE A 264 11.55 18.08 12.74
C ILE A 264 12.99 18.21 12.26
N ARG A 265 13.36 19.40 11.80
CA ARG A 265 14.72 19.65 11.34
C ARG A 265 15.73 19.48 12.47
N GLN A 266 15.38 19.96 13.67
CA GLN A 266 16.22 19.77 14.84
C GLN A 266 16.40 18.28 15.16
N ARG A 267 15.32 17.51 15.10
CA ARG A 267 15.42 16.07 15.35
C ARG A 267 16.27 15.36 14.30
N ALA A 268 16.18 15.78 13.04
CA ALA A 268 17.02 15.19 12.00
C ALA A 268 18.49 15.41 12.28
N ARG A 269 18.85 16.61 12.75
CA ARG A 269 20.24 16.88 13.10
C ARG A 269 20.66 16.01 14.27
N GLN A 270 19.78 15.87 15.25
CA GLN A 270 20.06 15.08 16.44
C GLN A 270 20.26 13.61 16.09
N ILE A 271 19.50 13.12 15.11
CA ILE A 271 19.64 11.74 14.64
C ILE A 271 21.04 11.49 14.09
N ARG A 272 21.51 12.43 13.25
CA ARG A 272 22.83 12.32 12.68
C ARG A 272 23.89 12.37 13.78
N ALA A 273 23.69 13.24 14.76
CA ALA A 273 24.60 13.33 15.91
C ALA A 273 24.64 12.03 16.70
N GLU A 274 23.47 11.43 16.94
CA GLU A 274 23.39 10.17 17.68
C GLU A 274 24.00 9.00 16.93
N LEU A 275 24.07 9.11 15.60
CA LEU A 275 24.71 8.09 14.79
C LEU A 275 26.21 8.31 14.68
N GLY A 276 26.73 9.32 15.39
CA GLY A 276 28.15 9.59 15.38
C GLY A 276 28.57 10.42 14.18
N ASN A 277 27.70 11.33 13.77
CA ASN A 277 27.84 12.16 12.57
C ASN A 277 28.48 11.48 11.35
N PRO A 278 27.78 10.47 10.83
CA PRO A 278 28.21 9.80 9.60
C PRO A 278 28.18 10.77 8.43
N ARG A 279 29.00 10.52 7.42
CA ARG A 279 28.94 11.29 6.18
C ARG A 279 27.66 10.95 5.43
N ARG A 280 27.29 9.67 5.45
CA ARG A 280 26.13 9.21 4.70
C ARG A 280 25.27 8.28 5.53
N ILE A 281 23.96 8.51 5.48
CA ILE A 281 22.98 7.65 6.12
C ILE A 281 22.10 7.06 5.06
N LEU A 282 22.01 5.72 5.01
CA LEU A 282 20.99 5.05 4.22
C LEU A 282 19.83 4.69 5.13
N LEU A 283 18.62 4.75 4.59
CA LEU A 283 17.43 4.53 5.40
C LEU A 283 16.48 3.57 4.70
N GLY A 284 15.99 2.58 5.46
CA GLY A 284 14.86 1.76 5.03
C GLY A 284 13.74 1.94 6.04
N VAL A 285 12.51 2.11 5.54
CA VAL A 285 11.33 2.21 6.39
C VAL A 285 10.24 1.34 5.78
N ASP A 286 9.84 0.29 6.49
CA ASP A 286 8.83 -0.63 5.93
C ASP A 286 8.04 -1.28 7.03
N ARG A 287 6.77 -1.54 6.73
CA ARG A 287 6.02 -2.51 7.47
C ARG A 287 6.76 -3.84 7.21
N LEU A 288 7.03 -4.60 8.27
CA LEU A 288 7.79 -5.82 8.07
C LEU A 288 6.95 -6.80 7.23
N ASP A 289 7.46 -7.16 6.05
CA ASP A 289 6.74 -8.04 5.12
C ASP A 289 7.75 -8.63 4.14
N TYR A 290 7.53 -9.87 3.72
CA TYR A 290 8.43 -10.50 2.78
C TYR A 290 8.34 -9.89 1.38
N THR A 291 7.35 -9.03 1.14
CA THR A 291 7.28 -8.32 -0.12
C THR A 291 8.26 -7.16 -0.19
N LYS A 292 8.83 -6.75 0.94
CA LYS A 292 9.51 -5.46 1.01
C LYS A 292 10.97 -5.46 0.58
N GLY A 293 11.57 -6.63 0.40
CA GLY A 293 12.95 -6.71 -0.08
C GLY A 293 13.98 -6.16 0.90
N ILE A 294 13.69 -6.26 2.20
CA ILE A 294 14.64 -5.79 3.22
C ILE A 294 15.88 -6.68 3.22
N ASP A 295 15.69 -7.98 2.99
CA ASP A 295 16.83 -8.87 2.93
C ASP A 295 17.78 -8.49 1.80
N VAL A 296 17.24 -8.03 0.69
CA VAL A 296 18.07 -7.66 -0.46
C VAL A 296 18.96 -6.47 -0.13
N ARG A 297 18.40 -5.47 0.54
CA ARG A 297 19.17 -4.29 0.98
C ARG A 297 20.35 -4.65 1.83
N LEU A 298 20.09 -5.52 2.80
CA LEU A 298 21.11 -5.94 3.75
C LEU A 298 22.19 -6.75 3.04
N GLN A 299 21.78 -7.65 2.14
CA GLN A 299 22.78 -8.40 1.38
C GLN A 299 23.68 -7.48 0.55
N ALA A 300 23.07 -6.52 -0.15
CA ALA A 300 23.83 -5.58 -0.97
C ALA A 300 24.81 -4.77 -0.12
N PHE A 301 24.32 -4.28 1.01
CA PHE A 301 25.14 -3.47 1.92
C PHE A 301 26.34 -4.29 2.44
N ALA A 302 26.08 -5.53 2.84
CA ALA A 302 27.12 -6.41 3.34
C ALA A 302 28.20 -6.64 2.28
N GLU A 303 27.79 -6.89 1.04
CA GLU A 303 28.74 -7.18 -0.02
C GLU A 303 29.56 -5.95 -0.41
N LEU A 304 28.92 -4.79 -0.41
CA LEU A 304 29.63 -3.53 -0.64
C LEU A 304 30.68 -3.26 0.44
N LEU A 305 30.35 -3.56 1.69
CA LEU A 305 31.32 -3.44 2.77
C LEU A 305 32.49 -4.41 2.56
N ALA A 306 32.18 -5.67 2.28
CA ALA A 306 33.21 -6.68 2.04
C ALA A 306 34.14 -6.26 0.91
N GLU A 307 33.58 -5.61 -0.11
CA GLU A 307 34.33 -5.22 -1.29
C GLU A 307 35.05 -3.88 -1.11
N GLY A 308 34.82 -3.21 0.02
CA GLY A 308 35.43 -1.92 0.30
C GLY A 308 34.89 -0.80 -0.57
N ARG A 309 33.68 -0.97 -1.08
CA ARG A 309 33.07 0.01 -1.98
C ARG A 309 32.20 1.00 -1.22
N VAL A 310 31.88 0.64 0.01
CA VAL A 310 31.25 1.56 0.96
C VAL A 310 32.18 1.66 2.15
N ASN A 311 32.37 2.87 2.65
CA ASN A 311 33.29 3.13 3.74
C ASN A 311 32.63 2.84 5.10
N ARG A 312 33.12 1.81 5.80
CA ARG A 312 32.48 1.38 7.04
C ARG A 312 32.69 2.39 8.16
N GLU A 313 33.58 3.36 7.94
CA GLU A 313 33.86 4.37 8.95
C GLU A 313 32.93 5.59 8.88
N ASP A 314 32.31 5.85 7.73
CA ASP A 314 31.50 7.06 7.64
C ASP A 314 30.12 6.87 7.01
N THR A 315 29.72 5.61 6.82
CA THR A 315 28.44 5.31 6.20
C THR A 315 27.66 4.34 7.10
N VAL A 316 26.38 4.63 7.33
CA VAL A 316 25.54 3.80 8.20
CA VAL A 316 25.55 3.82 8.22
C VAL A 316 24.19 3.57 7.58
N PHE A 317 23.63 2.38 7.83
CA PHE A 317 22.33 1.99 7.32
C PHE A 317 21.37 1.87 8.52
N VAL A 318 20.28 2.63 8.46
CA VAL A 318 19.20 2.53 9.45
C VAL A 318 18.00 1.84 8.82
N GLN A 319 17.59 0.72 9.42
CA GLN A 319 16.35 0.05 8.97
C GLN A 319 15.28 0.08 10.07
N LEU A 320 14.17 0.73 9.76
CA LEU A 320 13.04 0.80 10.68
C LEU A 320 11.97 -0.16 10.18
N ALA A 321 11.77 -1.26 10.90
CA ALA A 321 10.73 -2.22 10.54
C ALA A 321 9.56 -2.08 11.50
N THR A 322 8.37 -1.81 10.97
CA THR A 322 7.21 -1.72 11.84
C THR A 322 6.56 -3.10 11.91
N PRO A 323 6.20 -3.54 13.13
CA PRO A 323 5.69 -4.90 13.35
C PRO A 323 4.46 -5.18 12.53
N SER A 324 4.36 -6.37 11.98
CA SER A 324 3.22 -6.71 11.15
C SER A 324 2.92 -8.19 11.20
N ARG A 325 1.66 -8.52 11.47
CA ARG A 325 1.12 -9.86 11.26
C ARG A 325 1.92 -10.95 11.96
N GLU A 326 2.17 -10.74 13.26
CA GLU A 326 2.98 -11.64 14.07
C GLU A 326 2.37 -13.04 14.18
N ARG A 327 1.05 -13.13 14.05
CA ARG A 327 0.37 -14.41 14.16
C ARG A 327 0.54 -15.28 12.91
N VAL A 328 1.18 -14.74 11.87
CA VAL A 328 1.42 -15.46 10.63
C VAL A 328 2.88 -15.95 10.58
N GLU A 329 3.06 -17.26 10.47
CA GLU A 329 4.40 -17.84 10.59
C GLU A 329 5.44 -17.29 9.61
N ALA A 330 5.05 -17.04 8.35
CA ALA A 330 5.99 -16.51 7.36
C ALA A 330 6.63 -15.23 7.85
N TYR A 331 5.90 -14.45 8.63
CA TYR A 331 6.40 -13.15 9.07
C TYR A 331 7.40 -13.31 10.22
N ARG A 332 7.19 -14.31 11.05
CA ARG A 332 8.11 -14.58 12.15
C ARG A 332 9.42 -15.13 11.58
N LEU A 333 9.33 -16.00 10.58
CA LEU A 333 10.53 -16.54 9.93
C LEU A 333 11.32 -15.44 9.21
N LEU A 334 10.60 -14.54 8.55
CA LEU A 334 11.25 -13.42 7.89
C LEU A 334 12.00 -12.55 8.89
N ARG A 335 11.36 -12.26 10.01
CA ARG A 335 11.97 -11.43 11.05
C ARG A 335 13.26 -12.07 11.54
N ASP A 336 13.23 -13.39 11.74
CA ASP A 336 14.43 -14.14 12.11
C ASP A 336 15.58 -13.99 11.11
N ASP A 337 15.27 -14.05 9.82
CA ASP A 337 16.30 -13.95 8.78
C ASP A 337 16.94 -12.56 8.73
N ILE A 338 16.09 -11.53 8.80
CA ILE A 338 16.56 -10.16 8.76
C ILE A 338 17.43 -9.86 9.99
N GLU A 339 16.98 -10.34 11.15
CA GLU A 339 17.69 -10.07 12.39
C GLU A 339 19.05 -10.76 12.41
N ARG A 340 19.14 -11.94 11.79
CA ARG A 340 20.44 -12.59 11.62
C ARG A 340 21.38 -11.75 10.74
N GLN A 341 20.87 -11.19 9.64
CA GLN A 341 21.67 -10.40 8.75
C GLN A 341 22.23 -9.18 9.48
N VAL A 342 21.38 -8.57 10.29
CA VAL A 342 21.80 -7.39 11.05
C VAL A 342 22.94 -7.73 12.01
N GLY A 343 22.74 -8.77 12.81
CA GLY A 343 23.77 -9.21 13.73
C GLY A 343 25.06 -9.56 13.00
N HIS A 344 24.92 -10.24 11.86
CA HIS A 344 26.08 -10.69 11.11
C HIS A 344 26.90 -9.50 10.56
N ILE A 345 26.22 -8.55 9.93
CA ILE A 345 26.88 -7.41 9.31
C ILE A 345 27.61 -6.56 10.34
N ASN A 346 26.97 -6.30 11.48
CA ASN A 346 27.63 -5.55 12.53
C ASN A 346 28.82 -6.29 13.14
N GLY A 347 28.69 -7.61 13.32
CA GLY A 347 29.78 -8.41 13.85
C GLY A 347 31.00 -8.38 12.94
N GLU A 348 30.75 -8.27 11.63
CA GLU A 348 31.81 -8.35 10.64
C GLU A 348 32.46 -6.99 10.34
N TYR A 349 31.66 -5.92 10.35
CA TYR A 349 32.12 -4.59 9.88
C TYR A 349 31.99 -3.43 10.86
N GLY A 350 31.31 -3.65 11.96
CA GLY A 350 31.16 -2.60 12.96
C GLY A 350 32.37 -2.48 13.88
N GLU A 351 32.24 -1.57 14.84
CA GLU A 351 33.16 -1.46 15.94
C GLU A 351 32.33 -1.35 17.18
N VAL A 352 32.93 -1.63 18.33
CA VAL A 352 32.23 -1.42 19.59
C VAL A 352 31.91 0.06 19.74
N GLY A 353 30.64 0.35 19.99
CA GLY A 353 30.17 1.72 20.04
C GLY A 353 29.79 2.28 18.67
N HIS A 354 29.96 1.48 17.62
CA HIS A 354 29.65 1.95 16.27
C HIS A 354 29.23 0.85 15.29
N PRO A 355 27.95 0.50 15.32
CA PRO A 355 27.39 -0.42 14.31
C PRO A 355 27.40 0.22 12.93
N VAL A 356 27.39 -0.60 11.88
CA VAL A 356 27.15 -0.08 10.55
C VAL A 356 25.68 -0.22 10.18
N VAL A 357 24.94 -1.03 10.95
CA VAL A 357 23.50 -1.15 10.75
C VAL A 357 22.75 -0.94 12.07
N HIS A 358 21.80 0.00 12.05
CA HIS A 358 20.90 0.23 13.19
C HIS A 358 19.52 -0.26 12.79
N TYR A 359 18.99 -1.20 13.56
CA TYR A 359 17.75 -1.86 13.20
C TYR A 359 16.78 -1.76 14.37
N LEU A 360 15.56 -1.28 14.09
CA LEU A 360 14.55 -1.19 15.12
C LEU A 360 13.28 -1.87 14.63
N HIS A 361 12.70 -2.69 15.49
CA HIS A 361 11.46 -3.38 15.17
C HIS A 361 10.38 -2.85 16.10
N ARG A 362 9.67 -1.80 15.65
CA ARG A 362 8.68 -1.16 16.48
C ARG A 362 7.93 -0.12 15.68
N PRO A 363 6.74 0.27 16.14
CA PRO A 363 6.01 1.35 15.47
C PRO A 363 6.82 2.63 15.56
N VAL A 364 6.74 3.47 14.54
CA VAL A 364 7.44 4.76 14.55
C VAL A 364 6.44 5.89 14.44
N PRO A 365 6.46 6.82 15.41
CA PRO A 365 5.55 7.97 15.34
C PRO A 365 5.79 8.78 14.07
N ARG A 366 4.74 9.40 13.54
CA ARG A 366 4.81 10.16 12.29
C ARG A 366 5.94 11.20 12.30
N GLU A 367 6.04 11.97 13.38
CA GLU A 367 7.02 13.05 13.44
C GLU A 367 8.46 12.51 13.42
N GLU A 368 8.65 11.34 14.03
CA GLU A 368 9.95 10.69 14.06
C GLU A 368 10.32 10.19 12.66
N LEU A 369 9.35 9.57 11.99
CA LEU A 369 9.56 9.08 10.63
C LEU A 369 9.97 10.22 9.70
N ILE A 370 9.27 11.34 9.80
CA ILE A 370 9.57 12.48 8.95
C ILE A 370 10.97 13.00 9.24
N ALA A 371 11.36 13.06 10.51
CA ALA A 371 12.73 13.44 10.85
C ALA A 371 13.75 12.50 10.21
N PHE A 372 13.47 11.20 10.18
CA PHE A 372 14.38 10.27 9.54
C PHE A 372 14.47 10.49 8.03
N PHE A 373 13.34 10.77 7.39
CA PHE A 373 13.35 11.09 5.95
C PHE A 373 14.27 12.29 5.69
N VAL A 374 14.18 13.30 6.55
CA VAL A 374 14.95 14.54 6.37
C VAL A 374 16.44 14.29 6.60
N ALA A 375 16.77 13.38 7.52
CA ALA A 375 18.16 13.06 7.83
C ALA A 375 18.82 12.16 6.78
N ALA A 376 18.03 11.37 6.09
CA ALA A 376 18.57 10.29 5.25
C ALA A 376 19.13 10.74 3.90
N ASP A 377 20.40 10.42 3.64
CA ASP A 377 21.01 10.73 2.35
C ASP A 377 20.53 9.82 1.23
N VAL A 378 20.22 8.57 1.56
CA VAL A 378 19.73 7.64 0.55
C VAL A 378 18.55 6.86 1.13
N MET A 379 17.43 6.91 0.44
CA MET A 379 16.23 6.18 0.84
C MET A 379 16.22 4.87 0.05
N LEU A 380 16.18 3.73 0.75
CA LEU A 380 16.22 2.41 0.11
C LEU A 380 14.85 1.78 0.12
N VAL A 381 14.18 1.78 -1.01
CA VAL A 381 12.84 1.21 -1.14
C VAL A 381 12.93 0.12 -2.20
N THR A 382 13.28 -1.08 -1.78
CA THR A 382 13.53 -2.21 -2.66
C THR A 382 12.61 -3.46 -2.64
N PRO A 383 11.26 -3.17 -2.62
CA PRO A 383 10.37 -4.34 -2.59
C PRO A 383 10.44 -5.32 -3.77
N LEU A 384 10.22 -6.59 -3.50
CA LEU A 384 10.10 -7.60 -4.55
C LEU A 384 8.81 -7.41 -5.35
N ARG A 385 7.77 -6.92 -4.68
CA ARG A 385 6.48 -6.67 -5.33
C ARG A 385 5.63 -5.85 -4.37
N ASP A 386 5.20 -4.69 -4.81
CA ASP A 386 4.40 -3.77 -4.01
C ASP A 386 3.35 -3.07 -4.87
N GLY A 387 2.15 -2.92 -4.36
CA GLY A 387 1.11 -2.24 -5.09
C GLY A 387 1.50 -0.82 -5.47
N MET A 388 1.93 -0.06 -4.50
CA MET A 388 2.37 1.29 -4.76
C MET A 388 3.67 1.63 -4.02
N ASN A 389 3.57 1.72 -2.72
CA ASN A 389 4.64 2.09 -1.82
C ASN A 389 4.63 3.59 -1.64
N LEU A 390 3.98 4.01 -0.59
CA LEU A 390 3.86 5.40 -0.28
C LEU A 390 5.07 5.98 0.43
N VAL A 391 5.88 5.12 1.03
CA VAL A 391 7.06 5.58 1.70
C VAL A 391 7.96 6.32 0.70
N ALA A 392 8.03 5.80 -0.51
CA ALA A 392 8.85 6.44 -1.53
C ALA A 392 8.36 7.86 -1.80
N LYS A 393 7.07 8.01 -1.91
CA LYS A 393 6.49 9.32 -2.18
C LYS A 393 6.61 10.25 -0.98
N GLU A 394 6.48 9.70 0.22
CA GLU A 394 6.62 10.52 1.42
C GLU A 394 8.01 11.09 1.54
N TYR A 395 9.02 10.27 1.27
CA TYR A 395 10.40 10.74 1.29
C TYR A 395 10.60 11.93 0.35
N VAL A 396 10.11 11.78 -0.88
CA VAL A 396 10.20 12.84 -1.89
C VAL A 396 9.53 14.12 -1.41
N ALA A 397 8.33 14.02 -0.90
CA ALA A 397 7.61 15.17 -0.43
C ALA A 397 8.32 15.89 0.72
N CYS A 398 9.04 15.14 1.52
CA CYS A 398 9.76 15.71 2.62
C CYS A 398 11.05 16.43 2.25
N ARG A 399 11.62 16.12 1.12
CA ARG A 399 12.89 16.72 0.74
C ARG A 399 12.81 18.04 -0.03
N SER A 400 12.17 19.02 0.56
CA SER A 400 12.05 20.33 -0.04
C SER A 400 13.41 21.00 -0.12
N ASP A 401 14.39 20.47 0.59
CA ASP A 401 15.72 20.99 0.55
C ASP A 401 16.43 20.48 -0.68
N LEU A 402 15.75 19.60 -1.37
CA LEU A 402 16.23 18.91 -2.58
C LEU A 402 17.43 18.01 -2.36
N GLY A 403 17.73 17.71 -1.10
CA GLY A 403 18.81 16.79 -0.78
C GLY A 403 18.29 15.36 -0.87
N GLY A 404 19.17 14.38 -0.67
CA GLY A 404 18.75 12.98 -0.65
C GLY A 404 18.76 12.31 -2.00
N ALA A 405 18.39 11.03 -1.98
CA ALA A 405 18.38 10.20 -3.18
C ALA A 405 17.44 9.05 -2.92
N LEU A 406 16.67 8.69 -3.94
CA LEU A 406 15.71 7.59 -3.77
C LEU A 406 16.15 6.42 -4.65
N VAL A 407 16.38 5.27 -4.01
CA VAL A 407 16.69 4.03 -4.70
C VAL A 407 15.41 3.23 -4.65
N LEU A 408 14.86 2.90 -5.82
CA LEU A 408 13.48 2.40 -5.89
C LEU A 408 13.34 1.15 -6.76
N SER A 409 12.76 0.10 -6.20
CA SER A 409 12.50 -1.10 -6.99
C SER A 409 11.51 -0.84 -8.13
N GLU A 410 11.83 -1.39 -9.31
CA GLU A 410 10.92 -1.42 -10.45
C GLU A 410 9.60 -2.11 -10.13
N PHE A 411 9.62 -2.98 -9.13
CA PHE A 411 8.46 -3.84 -8.88
C PHE A 411 7.50 -3.21 -7.87
N THR A 412 7.57 -1.89 -7.77
CA THR A 412 6.58 -1.12 -7.03
C THR A 412 5.74 -0.33 -8.01
N GLY A 413 4.47 -0.12 -7.70
CA GLY A 413 3.65 0.77 -8.51
C GLY A 413 4.26 2.15 -8.61
N ALA A 414 5.02 2.54 -7.57
CA ALA A 414 5.58 3.89 -7.53
C ALA A 414 6.57 4.13 -8.66
N ALA A 415 7.25 3.06 -9.09
CA ALA A 415 8.27 3.19 -10.12
C ALA A 415 7.72 3.69 -11.46
N ALA A 416 6.42 3.51 -11.71
CA ALA A 416 5.83 4.00 -12.96
C ALA A 416 5.74 5.54 -12.98
N GLU A 417 5.78 6.16 -11.81
CA GLU A 417 5.68 7.60 -11.68
C GLU A 417 6.99 8.26 -11.28
N LEU A 418 7.83 7.51 -10.57
CA LEU A 418 9.04 8.06 -9.98
C LEU A 418 10.27 7.62 -10.76
N GLY A 419 10.17 7.73 -12.09
CA GLY A 419 11.21 7.29 -13.00
C GLY A 419 12.55 8.00 -12.84
N GLN A 420 12.55 9.20 -12.24
CA GLN A 420 13.79 9.92 -12.02
CA GLN A 420 13.79 9.92 -12.03
C GLN A 420 14.56 9.44 -10.79
N ALA A 421 13.96 8.53 -10.03
CA ALA A 421 14.67 7.92 -8.92
C ALA A 421 15.72 6.98 -9.50
N TYR A 422 16.57 6.41 -8.66
CA TYR A 422 17.52 5.39 -9.07
C TYR A 422 16.80 4.04 -9.09
N LEU A 423 16.32 3.61 -10.24
CA LEU A 423 15.49 2.40 -10.30
C LEU A 423 16.35 1.14 -10.32
N VAL A 424 15.89 0.10 -9.64
CA VAL A 424 16.63 -1.15 -9.59
C VAL A 424 15.71 -2.34 -9.77
N ASN A 425 16.24 -3.37 -10.41
CA ASN A 425 15.65 -4.72 -10.31
C ASN A 425 16.25 -5.38 -9.07
N PRO A 426 15.43 -5.59 -8.02
CA PRO A 426 15.95 -6.13 -6.75
C PRO A 426 16.53 -7.53 -6.90
N HIS A 427 16.18 -8.23 -7.98
CA HIS A 427 16.76 -9.54 -8.27
C HIS A 427 18.13 -9.44 -8.89
N ASN A 428 18.47 -8.27 -9.40
CA ASN A 428 19.78 -8.05 -9.99
C ASN A 428 20.66 -7.45 -8.91
N LEU A 429 21.26 -8.30 -8.08
CA LEU A 429 22.00 -7.81 -6.91
C LEU A 429 23.22 -6.96 -7.32
N ASP A 430 23.88 -7.34 -8.41
CA ASP A 430 25.04 -6.56 -8.90
C ASP A 430 24.64 -5.12 -9.16
N HIS A 431 23.50 -4.94 -9.81
CA HIS A 431 23.05 -3.58 -10.14
C HIS A 431 22.46 -2.85 -8.92
N VAL A 432 21.85 -3.57 -8.00
CA VAL A 432 21.44 -2.94 -6.73
C VAL A 432 22.66 -2.38 -6.03
N LYS A 433 23.73 -3.17 -5.97
CA LYS A 433 24.99 -2.72 -5.35
C LYS A 433 25.58 -1.51 -6.08
N ASP A 434 25.67 -1.60 -7.41
CA ASP A 434 26.17 -0.47 -8.22
C ASP A 434 25.37 0.81 -7.97
N THR A 435 24.05 0.63 -7.87
CA THR A 435 23.14 1.76 -7.73
C THR A 435 23.25 2.41 -6.34
N MET A 436 23.41 1.60 -5.30
CA MET A 436 23.61 2.17 -3.96
C MET A 436 24.89 2.98 -3.90
N VAL A 437 25.96 2.51 -4.55
CA VAL A 437 27.20 3.29 -4.62
C VAL A 437 26.97 4.60 -5.37
N ALA A 438 26.23 4.52 -6.48
CA ALA A 438 25.93 5.70 -7.28
C ALA A 438 25.13 6.74 -6.48
N ALA A 439 24.09 6.30 -5.78
CA ALA A 439 23.28 7.19 -4.94
C ALA A 439 24.10 7.80 -3.82
N LEU A 440 24.96 7.00 -3.20
CA LEU A 440 25.79 7.49 -2.11
C LEU A 440 26.82 8.51 -2.56
N ASN A 441 27.27 8.42 -3.81
CA ASN A 441 28.33 9.27 -4.29
C ASN A 441 27.90 10.28 -5.36
N GLN A 442 26.59 10.44 -5.53
CA GLN A 442 26.08 11.36 -6.55
C GLN A 442 26.59 12.78 -6.30
N THR A 443 26.76 13.56 -7.36
CA THR A 443 27.09 14.98 -7.19
C THR A 443 25.88 15.70 -6.56
N PRO A 444 26.13 16.79 -5.83
CA PRO A 444 25.01 17.58 -5.30
C PRO A 444 24.01 18.00 -6.39
N GLU A 445 24.54 18.44 -7.53
CA GLU A 445 23.68 18.90 -8.62
C GLU A 445 22.81 17.78 -9.20
N GLU A 446 23.38 16.59 -9.37
CA GLU A 446 22.60 15.49 -9.94
C GLU A 446 21.51 15.06 -8.98
N GLY A 447 21.82 15.02 -7.69
CA GLY A 447 20.84 14.66 -6.68
C GLY A 447 19.68 15.66 -6.71
N ARG A 448 20.02 16.94 -6.79
CA ARG A 448 19.01 17.99 -6.86
C ARG A 448 18.15 17.86 -8.11
N ARG A 449 18.79 17.57 -9.24
CA ARG A 449 18.04 17.42 -10.48
C ARG A 449 16.97 16.34 -10.34
N ARG A 450 17.37 15.20 -9.79
CA ARG A 450 16.44 14.09 -9.64
C ARG A 450 15.35 14.43 -8.63
N MET A 451 15.73 15.02 -7.50
CA MET A 451 14.74 15.29 -6.46
C MET A 451 13.75 16.37 -6.89
N ARG A 452 14.24 17.40 -7.60
CA ARG A 452 13.32 18.40 -8.15
C ARG A 452 12.29 17.76 -9.07
N ALA A 453 12.74 16.87 -9.93
CA ALA A 453 11.84 16.22 -10.89
C ALA A 453 10.84 15.31 -10.17
N LEU A 454 11.31 14.58 -9.17
CA LEU A 454 10.43 13.68 -8.41
C LEU A 454 9.37 14.49 -7.65
N ARG A 455 9.79 15.60 -7.07
CA ARG A 455 8.86 16.43 -6.31
C ARG A 455 7.78 17.07 -7.21
N ARG A 456 8.16 17.47 -8.43
CA ARG A 456 7.19 18.02 -9.35
C ARG A 456 6.07 17.00 -9.58
N GLN A 457 6.45 15.73 -9.72
CA GLN A 457 5.47 14.67 -9.97
C GLN A 457 4.59 14.43 -8.74
N VAL A 458 5.22 14.30 -7.58
CA VAL A 458 4.51 13.91 -6.35
C VAL A 458 3.65 15.10 -5.85
N LEU A 459 4.15 16.32 -5.97
CA LEU A 459 3.34 17.46 -5.56
C LEU A 459 2.08 17.62 -6.42
N ALA A 460 2.17 17.27 -7.70
CA ALA A 460 1.04 17.46 -8.61
C ALA A 460 0.08 16.27 -8.60
N HIS A 461 0.60 15.09 -8.31
CA HIS A 461 -0.23 13.88 -8.30
C HIS A 461 -0.38 13.38 -6.87
N ASP A 462 -1.37 13.92 -6.17
CA ASP A 462 -1.54 13.66 -4.75
C ASP A 462 -2.79 12.80 -4.52
N VAL A 463 -3.12 12.53 -3.26
CA VAL A 463 -4.22 11.62 -2.97
C VAL A 463 -5.56 12.25 -3.37
N ASP A 464 -5.62 13.58 -3.34
CA ASP A 464 -6.81 14.30 -3.77
C ASP A 464 -7.10 14.03 -5.26
N LEU A 465 -6.07 14.10 -6.09
CA LEU A 465 -6.24 13.84 -7.52
C LEU A 465 -6.70 12.40 -7.71
N TRP A 466 -6.06 11.49 -6.99
CA TRP A 466 -6.41 10.07 -7.08
C TRP A 466 -7.90 9.83 -6.77
N ALA A 467 -8.34 10.34 -5.63
CA ALA A 467 -9.71 10.13 -5.17
C ALA A 467 -10.76 10.77 -6.08
N ARG A 468 -10.49 12.00 -6.54
CA ARG A 468 -11.40 12.65 -7.46
C ARG A 468 -11.50 11.88 -8.79
N SER A 469 -10.37 11.34 -9.25
CA SER A 469 -10.34 10.63 -10.52
CA SER A 469 -10.34 10.63 -10.52
C SER A 469 -11.17 9.34 -10.45
N PHE A 470 -11.02 8.61 -9.35
CA PHE A 470 -11.78 7.38 -9.19
C PHE A 470 -13.27 7.69 -9.06
N LEU A 471 -13.59 8.71 -8.27
CA LEU A 471 -14.99 9.02 -8.03
C LEU A 471 -15.66 9.61 -9.27
N ASP A 472 -14.91 10.36 -10.08
CA ASP A 472 -15.43 10.87 -11.35
C ASP A 472 -15.74 9.70 -12.30
N ALA A 473 -14.84 8.72 -12.34
CA ALA A 473 -15.04 7.54 -13.20
C ALA A 473 -16.24 6.73 -12.76
N LEU A 474 -16.41 6.59 -11.45
CA LEU A 474 -17.53 5.84 -10.88
C LEU A 474 -18.85 6.54 -11.16
N ALA A 475 -18.89 7.84 -10.87
CA ALA A 475 -20.09 8.64 -11.11
C ALA A 475 -20.52 8.56 -12.57
N SER A 476 -19.54 8.44 -13.47
CA SER A 476 -19.80 8.40 -14.90
CA SER A 476 -19.80 8.40 -14.90
C SER A 476 -20.51 7.12 -15.33
N THR A 477 -20.48 6.10 -14.47
CA THR A 477 -21.15 4.84 -14.80
C THR A 477 -22.67 4.93 -14.65
N ARG A 478 -23.16 6.04 -14.12
CA ARG A 478 -24.60 6.22 -13.93
C ARG A 478 -25.31 6.58 -15.23
#